data_9FPC
#
_entry.id   9FPC
#
_cell.length_a   61.13
_cell.length_b   74.19
_cell.length_c   85.89
_cell.angle_alpha   90
_cell.angle_beta   90
_cell.angle_gamma   90
#
_symmetry.space_group_name_H-M   'P 21 21 21'
#
loop_
_entity.id
_entity.type
_entity.pdbx_description
1 polymer 'Cobn protein'
2 water water
#
_entity_poly.entity_id   1
_entity_poly.type   'polypeptide(L)'
_entity_poly.pdbx_seq_one_letter_code
;DSRAVPTPAAWELGKKSAELLITRYTQDHGEWPTSFGLTAWGTSNMRTGGDDIAQALALIGVQPVWDMASRRVTGYEIVP
PAKLARPRVDVTLRISGFFRDAFPEQIALFDKAVRAVGALDEDVEDNPIAARMKAEQARLVAGGADPQTAERRAGYRVFG
SKPGAYGAGLQALIDENGWAGRNDLAEAWLVWGGYAYGAGEEGQAERGLLEERLRSVQAVVQNQDNREHDLLDSDDYYQF
EGGMAATVESLTGAMPSVYHNDHSRPEKPVIRALEEELSRVVRGRAANPKWIAGVMRHGYKGAAEIAATVDYLFAFAATT
GKVGNHHFEAVYQAYIADRAVHDFMAEKNPAALAETAAKLNEAIERGFWTPRSNSARFELENLS
;
_entity_poly.pdbx_strand_id   A
#
# COMPACT_ATOMS: atom_id res chain seq x y z
N ASP A 1 -8.30 -0.89 -24.06
CA ASP A 1 -7.33 0.02 -24.72
C ASP A 1 -6.59 0.85 -23.68
N SER A 2 -5.26 0.66 -23.65
CA SER A 2 -4.39 1.31 -22.68
C SER A 2 -4.30 2.81 -22.93
N ARG A 3 -4.60 3.32 -24.15
CA ARG A 3 -4.65 4.75 -24.39
C ARG A 3 -5.90 5.46 -23.83
N ALA A 4 -6.95 4.72 -23.47
CA ALA A 4 -8.18 5.29 -22.98
C ALA A 4 -8.20 5.30 -21.45
N VAL A 5 -7.05 5.21 -20.76
CA VAL A 5 -6.98 4.94 -19.33
C VAL A 5 -6.27 6.15 -18.75
N PRO A 6 -6.76 6.90 -17.75
CA PRO A 6 -7.96 6.59 -16.97
C PRO A 6 -9.22 6.92 -17.74
N THR A 7 -10.23 6.05 -17.60
CA THR A 7 -11.53 6.25 -18.17
C THR A 7 -12.21 7.36 -17.38
N PRO A 8 -13.23 8.05 -17.98
CA PRO A 8 -14.10 8.94 -17.19
C PRO A 8 -14.68 8.28 -15.94
N ALA A 9 -15.05 6.98 -15.98
CA ALA A 9 -15.62 6.33 -14.79
C ALA A 9 -14.56 6.13 -13.70
N ALA A 10 -13.30 5.82 -14.09
CA ALA A 10 -12.20 5.72 -13.13
C ALA A 10 -11.84 7.09 -12.59
N TRP A 11 -11.93 8.14 -13.42
CA TRP A 11 -11.77 9.51 -12.95
C TRP A 11 -12.78 9.90 -11.86
N GLU A 12 -14.08 9.62 -12.10
CA GLU A 12 -15.13 9.95 -11.11
C GLU A 12 -14.84 9.27 -9.77
N LEU A 13 -14.45 8.01 -9.82
CA LEU A 13 -14.04 7.24 -8.64
C LEU A 13 -12.81 7.86 -7.97
N GLY A 14 -11.73 8.10 -8.74
CA GLY A 14 -10.49 8.71 -8.23
C GLY A 14 -10.74 10.02 -7.50
N LYS A 15 -11.58 10.89 -8.09
CA LYS A 15 -11.93 12.19 -7.57
C LYS A 15 -12.69 12.04 -6.25
N LYS A 16 -13.76 11.20 -6.20
CA LYS A 16 -14.53 11.01 -4.95
C LYS A 16 -13.63 10.42 -3.86
N SER A 17 -12.86 9.36 -4.22
CA SER A 17 -11.89 8.74 -3.32
C SER A 17 -10.90 9.74 -2.74
N ALA A 18 -10.28 10.56 -3.59
CA ALA A 18 -9.31 11.55 -3.13
C ALA A 18 -9.94 12.52 -2.12
N GLU A 19 -11.18 13.02 -2.41
CA GLU A 19 -11.92 13.89 -1.50
C GLU A 19 -12.16 13.21 -0.16
N LEU A 20 -12.54 11.92 -0.19
CA LEU A 20 -12.90 11.18 1.01
C LEU A 20 -11.65 10.87 1.82
N LEU A 21 -10.53 10.59 1.14
CA LEU A 21 -9.25 10.37 1.79
C LEU A 21 -8.76 11.62 2.50
N ILE A 22 -8.83 12.78 1.82
CA ILE A 22 -8.43 14.06 2.44
C ILE A 22 -9.27 14.30 3.69
N THR A 23 -10.59 14.16 3.55
CA THR A 23 -11.53 14.36 4.63
C THR A 23 -11.18 13.44 5.82
N ARG A 24 -10.92 12.15 5.56
CA ARG A 24 -10.61 11.19 6.63
C ARG A 24 -9.35 11.65 7.35
N TYR A 25 -8.29 12.03 6.57
CA TYR A 25 -7.06 12.59 7.10
C TYR A 25 -7.37 13.75 8.04
N THR A 26 -8.20 14.72 7.60
CA THR A 26 -8.46 15.94 8.40
C THR A 26 -9.21 15.60 9.70
N GLN A 27 -10.11 14.62 9.65
CA GLN A 27 -10.80 14.11 10.83
C GLN A 27 -9.85 13.44 11.83
N ASP A 28 -8.91 12.62 11.33
CA ASP A 28 -7.88 11.97 12.15
C ASP A 28 -6.87 12.95 12.75
N HIS A 29 -6.44 13.98 12.00
CA HIS A 29 -5.24 14.72 12.35
C HIS A 29 -5.50 16.21 12.63
N GLY A 30 -6.65 16.77 12.24
CA GLY A 30 -6.99 18.17 12.50
C GLY A 30 -6.28 19.18 11.60
N GLU A 31 -5.68 18.76 10.49
CA GLU A 31 -4.94 19.63 9.60
C GLU A 31 -5.02 19.05 8.19
N TRP A 32 -4.76 19.93 7.20
CA TRP A 32 -4.70 19.48 5.83
C TRP A 32 -3.50 18.56 5.69
N PRO A 33 -3.59 17.43 4.95
CA PRO A 33 -2.40 16.69 4.54
C PRO A 33 -1.66 17.44 3.43
N THR A 34 -0.35 17.24 3.39
CA THR A 34 0.54 17.75 2.35
C THR A 34 1.27 16.66 1.56
N SER A 35 1.24 15.40 2.01
CA SER A 35 2.07 14.38 1.34
C SER A 35 1.51 12.98 1.66
N PHE A 36 1.06 12.27 0.61
CA PHE A 36 0.68 10.88 0.70
C PHE A 36 1.65 10.04 -0.10
N GLY A 37 1.71 8.79 0.34
CA GLY A 37 2.42 7.72 -0.35
C GLY A 37 1.35 6.75 -0.87
N LEU A 38 1.31 6.55 -2.17
CA LEU A 38 0.30 5.71 -2.82
C LEU A 38 1.03 4.49 -3.40
N THR A 39 0.33 3.34 -3.45
CA THR A 39 0.78 2.18 -4.24
C THR A 39 -0.15 2.03 -5.43
N ALA A 40 0.44 1.85 -6.63
CA ALA A 40 -0.26 1.50 -7.86
C ALA A 40 0.19 0.08 -8.24
N TRP A 41 -0.78 -0.79 -8.40
CA TRP A 41 -0.50 -2.21 -8.53
C TRP A 41 -1.61 -2.81 -9.38
N GLY A 42 -1.57 -4.10 -9.54
CA GLY A 42 -2.47 -4.70 -10.51
C GLY A 42 -2.36 -6.21 -10.48
N THR A 43 -3.42 -6.84 -10.95
CA THR A 43 -3.47 -8.27 -11.25
C THR A 43 -4.25 -8.37 -12.57
N SER A 44 -3.94 -9.40 -13.40
CA SER A 44 -4.77 -9.79 -14.56
C SER A 44 -6.28 -9.77 -14.23
N ASN A 45 -6.66 -10.21 -13.00
CA ASN A 45 -7.99 -10.04 -12.41
C ASN A 45 -8.08 -8.77 -11.55
N MET A 46 -8.15 -7.60 -12.20
CA MET A 46 -8.53 -6.31 -11.62
C MET A 46 -9.48 -5.61 -12.62
N ARG A 47 -10.36 -4.66 -12.17
CA ARG A 47 -10.95 -3.64 -13.05
C ARG A 47 -9.82 -2.82 -13.68
N THR A 48 -10.03 -2.36 -14.94
CA THR A 48 -8.93 -1.89 -15.80
C THR A 48 -9.04 -0.41 -16.16
N GLY A 49 -9.94 0.36 -15.56
CA GLY A 49 -10.16 1.73 -15.98
C GLY A 49 -9.12 2.74 -15.49
N GLY A 50 -8.16 2.39 -14.57
CA GLY A 50 -7.09 3.27 -14.11
C GLY A 50 -7.39 4.03 -12.79
N ASP A 51 -8.05 3.38 -11.83
CA ASP A 51 -8.46 3.91 -10.52
C ASP A 51 -7.31 4.56 -9.71
N ASP A 52 -6.17 3.84 -9.62
CA ASP A 52 -5.03 4.29 -8.83
C ASP A 52 -4.48 5.60 -9.37
N ILE A 53 -4.24 5.63 -10.68
CA ILE A 53 -3.70 6.83 -11.27
C ILE A 53 -4.71 7.97 -11.21
N ALA A 54 -6.02 7.70 -11.37
CA ALA A 54 -7.05 8.71 -11.25
C ALA A 54 -7.02 9.38 -9.88
N GLN A 55 -6.92 8.57 -8.81
CA GLN A 55 -6.86 9.05 -7.43
C GLN A 55 -5.64 9.94 -7.25
N ALA A 56 -4.49 9.54 -7.82
CA ALA A 56 -3.24 10.28 -7.70
C ALA A 56 -3.37 11.63 -8.41
N LEU A 57 -3.93 11.62 -9.62
CA LEU A 57 -4.20 12.85 -10.36
C LEU A 57 -5.17 13.76 -9.62
N ALA A 58 -6.20 13.16 -9.03
CA ALA A 58 -7.16 13.96 -8.26
C ALA A 58 -6.50 14.63 -7.08
N LEU A 59 -5.65 13.88 -6.34
CA LEU A 59 -4.98 14.43 -5.17
C LEU A 59 -4.12 15.66 -5.48
N ILE A 60 -3.32 15.56 -6.54
CA ILE A 60 -2.46 16.66 -6.96
C ILE A 60 -3.27 17.81 -7.63
N GLY A 61 -4.54 17.59 -8.01
CA GLY A 61 -5.39 18.60 -8.61
C GLY A 61 -5.12 18.76 -10.10
N VAL A 62 -5.14 17.61 -10.80
CA VAL A 62 -5.07 17.57 -12.25
C VAL A 62 -6.21 16.69 -12.73
N GLN A 63 -6.73 16.99 -13.93
CA GLN A 63 -7.75 16.17 -14.54
C GLN A 63 -7.24 15.63 -15.87
N PRO A 64 -7.59 14.40 -16.26
CA PRO A 64 -7.29 13.89 -17.59
C PRO A 64 -8.09 14.74 -18.60
N VAL A 65 -7.55 14.77 -19.83
CA VAL A 65 -8.27 15.25 -21.01
C VAL A 65 -8.50 14.06 -21.94
N TRP A 66 -9.75 13.90 -22.41
CA TRP A 66 -10.12 12.88 -23.37
C TRP A 66 -10.52 13.49 -24.70
N ASP A 67 -10.21 12.79 -25.80
CA ASP A 67 -10.78 13.10 -27.09
C ASP A 67 -12.26 12.73 -27.01
N MET A 68 -13.14 13.69 -27.32
CA MET A 68 -14.58 13.50 -27.17
C MET A 68 -15.08 12.32 -27.99
N ALA A 69 -14.56 12.16 -29.23
CA ALA A 69 -15.02 11.11 -30.12
C ALA A 69 -14.43 9.76 -29.78
N SER A 70 -13.11 9.73 -29.66
CA SER A 70 -12.37 8.46 -29.53
C SER A 70 -12.32 7.96 -28.10
N ARG A 71 -12.46 8.86 -27.09
CA ARG A 71 -12.36 8.57 -25.66
C ARG A 71 -10.91 8.23 -25.24
N ARG A 72 -9.90 8.46 -26.09
CA ARG A 72 -8.50 8.30 -25.69
C ARG A 72 -8.10 9.43 -24.78
N VAL A 73 -7.21 9.17 -23.82
CA VAL A 73 -6.60 10.25 -23.04
C VAL A 73 -5.59 10.95 -23.92
N THR A 74 -5.72 12.27 -24.10
CA THR A 74 -4.81 13.04 -24.95
C THR A 74 -3.82 13.85 -24.12
N GLY A 75 -3.98 13.92 -22.80
CA GLY A 75 -3.18 14.81 -21.98
C GLY A 75 -3.88 15.05 -20.64
N TYR A 76 -3.59 16.19 -20.04
CA TYR A 76 -4.17 16.53 -18.75
C TYR A 76 -4.36 18.04 -18.77
N GLU A 77 -5.12 18.53 -17.81
CA GLU A 77 -5.31 19.93 -17.55
C GLU A 77 -5.18 20.11 -16.05
N ILE A 78 -4.35 21.07 -15.63
CA ILE A 78 -4.24 21.44 -14.22
C ILE A 78 -5.59 22.03 -13.77
N VAL A 79 -6.14 21.52 -12.65
CA VAL A 79 -7.27 22.16 -12.00
C VAL A 79 -6.73 23.45 -11.34
N PRO A 80 -7.23 24.67 -11.69
CA PRO A 80 -6.71 25.90 -11.09
C PRO A 80 -7.19 26.11 -9.64
N PRO A 81 -6.45 26.86 -8.80
CA PRO A 81 -6.86 27.14 -7.41
C PRO A 81 -8.32 27.62 -7.28
N ALA A 82 -8.81 28.39 -8.25
CA ALA A 82 -10.21 28.81 -8.29
C ALA A 82 -11.16 27.64 -8.19
N LYS A 83 -10.79 26.43 -8.68
CA LYS A 83 -11.66 25.29 -8.69
C LYS A 83 -11.38 24.30 -7.56
N LEU A 84 -10.54 24.62 -6.58
CA LEU A 84 -10.17 23.77 -5.47
C LEU A 84 -10.76 24.33 -4.17
N ALA A 85 -11.50 23.48 -3.43
CA ALA A 85 -11.96 23.75 -2.09
C ALA A 85 -11.04 23.13 -1.05
N ARG A 86 -9.93 22.48 -1.42
CA ARG A 86 -8.88 22.06 -0.53
C ARG A 86 -7.52 22.19 -1.23
N PRO A 87 -6.39 22.13 -0.50
CA PRO A 87 -5.09 22.19 -1.16
C PRO A 87 -4.76 20.94 -2.01
N ARG A 88 -3.77 21.13 -2.88
CA ARG A 88 -3.13 20.05 -3.60
C ARG A 88 -2.37 19.26 -2.56
N VAL A 89 -2.34 17.94 -2.74
CA VAL A 89 -1.64 17.02 -1.86
C VAL A 89 -0.54 16.37 -2.71
N ASP A 90 0.69 16.40 -2.19
CA ASP A 90 1.80 15.73 -2.84
C ASP A 90 1.60 14.21 -2.81
N VAL A 91 1.99 13.53 -3.92
CA VAL A 91 1.83 12.08 -4.09
C VAL A 91 3.17 11.49 -4.51
N THR A 92 3.67 10.54 -3.72
CA THR A 92 4.78 9.65 -4.06
C THR A 92 4.15 8.30 -4.39
N LEU A 93 4.41 7.81 -5.62
CA LEU A 93 3.76 6.64 -6.14
C LEU A 93 4.78 5.48 -6.19
N ARG A 94 4.52 4.40 -5.45
CA ARG A 94 5.23 3.15 -5.59
C ARG A 94 4.46 2.27 -6.57
N ILE A 95 5.10 1.81 -7.65
CA ILE A 95 4.44 1.00 -8.68
C ILE A 95 4.98 -0.42 -8.53
N SER A 96 4.11 -1.43 -8.62
CA SER A 96 4.57 -2.81 -8.67
C SER A 96 5.26 -3.07 -10.03
N GLY A 97 5.95 -4.22 -10.10
CA GLY A 97 6.48 -4.71 -11.35
C GLY A 97 5.41 -4.93 -12.43
N PHE A 98 4.28 -5.52 -12.08
CA PHE A 98 3.12 -5.67 -12.97
C PHE A 98 2.67 -4.32 -13.54
N PHE A 99 2.46 -3.38 -12.61
CA PHE A 99 2.04 -2.03 -12.95
C PHE A 99 3.05 -1.35 -13.90
N ARG A 100 4.35 -1.42 -13.55
CA ARG A 100 5.43 -0.87 -14.35
C ARG A 100 5.45 -1.46 -15.78
N ASP A 101 5.32 -2.80 -15.87
CA ASP A 101 5.33 -3.50 -17.15
C ASP A 101 4.08 -3.15 -17.92
N ALA A 102 2.89 -3.13 -17.28
CA ALA A 102 1.63 -3.05 -18.02
C ALA A 102 1.27 -1.64 -18.49
N PHE A 103 1.60 -0.60 -17.70
CA PHE A 103 0.93 0.70 -17.79
C PHE A 103 1.95 1.84 -17.90
N PRO A 104 2.92 1.78 -18.86
CA PRO A 104 3.87 2.87 -19.02
C PRO A 104 3.25 4.24 -19.36
N GLU A 105 2.08 4.26 -20.03
CA GLU A 105 1.44 5.51 -20.44
C GLU A 105 0.85 6.23 -19.23
N GLN A 106 0.30 5.44 -18.29
CA GLN A 106 -0.24 5.99 -17.05
C GLN A 106 0.86 6.63 -16.19
N ILE A 107 2.01 5.94 -16.06
CA ILE A 107 3.15 6.42 -15.32
C ILE A 107 3.59 7.76 -15.93
N ALA A 108 3.78 7.78 -17.26
CA ALA A 108 4.21 9.00 -17.96
C ALA A 108 3.25 10.18 -17.78
N LEU A 109 1.91 9.93 -17.85
CA LEU A 109 0.86 10.89 -17.60
C LEU A 109 1.01 11.52 -16.21
N PHE A 110 1.11 10.67 -15.17
CA PHE A 110 1.26 11.13 -13.80
C PHE A 110 2.59 11.90 -13.62
N ASP A 111 3.69 11.36 -14.13
CA ASP A 111 4.98 12.04 -14.03
C ASP A 111 4.94 13.46 -14.62
N LYS A 112 4.43 13.60 -15.84
CA LYS A 112 4.33 14.92 -16.47
C LYS A 112 3.37 15.82 -15.68
N ALA A 113 2.22 15.28 -15.22
CA ALA A 113 1.25 16.09 -14.46
C ALA A 113 1.82 16.67 -13.17
N VAL A 114 2.44 15.81 -12.33
CA VAL A 114 2.97 16.23 -11.05
C VAL A 114 4.13 17.23 -11.19
N ARG A 115 4.96 17.07 -12.24
CA ARG A 115 6.04 18.02 -12.50
C ARG A 115 5.47 19.39 -12.91
N ALA A 116 4.37 19.37 -13.68
CA ALA A 116 3.71 20.59 -14.11
C ALA A 116 3.08 21.31 -12.90
N VAL A 117 2.45 20.55 -11.97
CA VAL A 117 1.96 21.14 -10.72
C VAL A 117 3.12 21.70 -9.88
N GLY A 118 4.25 20.97 -9.84
CA GLY A 118 5.43 21.43 -9.14
C GLY A 118 6.12 22.68 -9.72
N ALA A 119 5.78 23.09 -10.94
CA ALA A 119 6.32 24.30 -11.58
C ALA A 119 5.35 25.47 -11.48
N LEU A 120 4.14 25.34 -10.87
CA LEU A 120 3.20 26.43 -10.78
C LEU A 120 3.68 27.46 -9.76
N ASP A 121 3.21 28.70 -9.93
CA ASP A 121 3.51 29.82 -9.07
C ASP A 121 2.34 29.94 -8.12
N GLU A 122 2.32 29.18 -7.02
CA GLU A 122 1.18 29.17 -6.11
C GLU A 122 1.74 29.21 -4.71
N ASP A 123 0.93 29.68 -3.74
CA ASP A 123 1.30 29.74 -2.34
C ASP A 123 1.53 28.32 -1.79
N VAL A 124 2.47 28.18 -0.85
CA VAL A 124 2.87 26.93 -0.21
C VAL A 124 1.66 26.20 0.40
N GLU A 125 0.73 26.92 1.02
CA GLU A 125 -0.45 26.34 1.63
C GLU A 125 -1.43 25.73 0.60
N ASP A 126 -1.45 26.19 -0.66
CA ASP A 126 -2.19 25.56 -1.74
C ASP A 126 -1.41 24.44 -2.42
N ASN A 127 -0.09 24.63 -2.57
CA ASN A 127 0.75 23.78 -3.40
C ASN A 127 2.02 23.44 -2.64
N PRO A 128 2.01 22.36 -1.82
CA PRO A 128 3.26 21.84 -1.24
C PRO A 128 4.19 21.13 -2.21
N ILE A 129 3.67 20.71 -3.38
CA ILE A 129 4.42 20.01 -4.40
C ILE A 129 5.46 20.97 -4.97
N ALA A 130 4.97 22.12 -5.43
CA ALA A 130 5.86 23.14 -5.96
C ALA A 130 6.88 23.61 -4.94
N ALA A 131 6.46 23.85 -3.69
CA ALA A 131 7.38 24.28 -2.63
C ALA A 131 8.53 23.28 -2.43
N ARG A 132 8.20 21.97 -2.40
CA ARG A 132 9.19 20.91 -2.29
C ARG A 132 10.09 20.84 -3.51
N MET A 133 9.51 20.81 -4.74
CA MET A 133 10.31 20.62 -5.95
C MET A 133 11.26 21.82 -6.18
N LYS A 134 10.77 23.05 -5.93
CA LYS A 134 11.60 24.25 -5.98
C LYS A 134 12.72 24.28 -4.95
N ALA A 135 12.43 23.96 -3.68
CA ALA A 135 13.41 23.96 -2.63
C ALA A 135 14.50 22.90 -2.88
N GLU A 136 14.13 21.66 -3.29
CA GLU A 136 15.10 20.59 -3.54
C GLU A 136 15.98 20.88 -4.75
N GLN A 137 15.37 21.39 -5.82
CA GLN A 137 16.06 21.87 -7.00
C GLN A 137 17.07 22.93 -6.60
N ALA A 138 16.65 23.91 -5.79
CA ALA A 138 17.55 24.96 -5.34
C ALA A 138 18.71 24.43 -4.47
N ARG A 139 18.45 23.49 -3.57
CA ARG A 139 19.51 22.88 -2.77
C ARG A 139 20.49 22.12 -3.65
N LEU A 140 20.02 21.35 -4.64
CA LEU A 140 20.89 20.66 -5.58
C LEU A 140 21.76 21.63 -6.42
N VAL A 141 21.18 22.70 -6.96
CA VAL A 141 21.89 23.70 -7.75
C VAL A 141 22.98 24.38 -6.91
N ALA A 142 22.71 24.68 -5.64
CA ALA A 142 23.64 25.35 -4.78
C ALA A 142 24.81 24.42 -4.42
N GLY A 143 24.62 23.10 -4.48
CA GLY A 143 25.69 22.14 -4.39
C GLY A 143 26.55 22.02 -5.64
N GLY A 144 26.12 22.59 -6.79
CA GLY A 144 26.81 22.50 -8.05
C GLY A 144 26.08 21.69 -9.12
N ALA A 145 24.82 21.25 -8.89
CA ALA A 145 24.11 20.43 -9.86
C ALA A 145 23.82 21.25 -11.10
N ASP A 146 23.95 20.62 -12.26
CA ASP A 146 23.36 21.11 -13.48
C ASP A 146 21.85 21.33 -13.22
N PRO A 147 21.29 22.55 -13.50
CA PRO A 147 19.88 22.86 -13.17
C PRO A 147 18.83 21.91 -13.73
N GLN A 148 19.09 21.42 -14.95
CA GLN A 148 18.23 20.51 -15.67
C GLN A 148 18.21 19.15 -14.97
N THR A 149 19.40 18.64 -14.57
CA THR A 149 19.52 17.43 -13.75
C THR A 149 18.78 17.65 -12.43
N ALA A 150 18.98 18.80 -11.79
CA ALA A 150 18.36 19.09 -10.51
C ALA A 150 16.83 19.10 -10.61
N GLU A 151 16.26 19.73 -11.66
CA GLU A 151 14.80 19.75 -11.91
C GLU A 151 14.29 18.32 -12.14
N ARG A 152 15.06 17.50 -12.86
CA ARG A 152 14.69 16.12 -13.10
C ARG A 152 14.58 15.35 -11.77
N ARG A 153 15.62 15.46 -10.93
CA ARG A 153 15.78 14.65 -9.75
C ARG A 153 14.80 15.10 -8.67
N ALA A 154 14.71 16.42 -8.42
CA ALA A 154 13.76 16.99 -7.46
C ALA A 154 12.29 16.63 -7.79
N GLY A 155 11.95 16.43 -9.05
CA GLY A 155 10.57 16.25 -9.46
C GLY A 155 10.14 14.77 -9.56
N TYR A 156 11.05 13.79 -9.40
CA TYR A 156 10.68 12.37 -9.40
C TYR A 156 9.61 12.13 -8.32
N ARG A 157 8.51 11.45 -8.74
CA ARG A 157 7.43 11.01 -7.87
C ARG A 157 7.06 9.54 -8.05
N VAL A 158 7.65 8.82 -9.03
CA VAL A 158 7.30 7.45 -9.31
C VAL A 158 8.52 6.58 -9.04
N PHE A 159 8.34 5.58 -8.16
CA PHE A 159 9.42 4.70 -7.75
C PHE A 159 8.91 3.26 -7.84
N GLY A 160 9.77 2.39 -8.35
CA GLY A 160 9.52 0.97 -8.35
C GLY A 160 10.83 0.17 -8.36
N SER A 161 10.61 -1.14 -8.57
CA SER A 161 11.68 -2.12 -8.58
C SER A 161 12.33 -2.02 -9.96
N LYS A 162 13.57 -2.50 -10.07
CA LYS A 162 14.23 -2.52 -11.36
C LYS A 162 13.54 -3.49 -12.30
N PRO A 163 13.73 -3.43 -13.63
CA PRO A 163 13.16 -4.44 -14.54
C PRO A 163 13.47 -5.92 -14.27
N GLY A 164 12.46 -6.78 -14.48
CA GLY A 164 12.46 -8.20 -14.12
C GLY A 164 12.33 -8.53 -12.63
N ALA A 165 12.18 -7.51 -11.74
CA ALA A 165 12.00 -7.69 -10.31
C ALA A 165 10.53 -7.41 -9.97
N TYR A 166 9.96 -8.26 -9.09
CA TYR A 166 8.55 -8.33 -8.72
C TYR A 166 8.48 -8.33 -7.18
N GLY A 167 7.33 -7.89 -6.63
CA GLY A 167 7.13 -7.66 -5.20
C GLY A 167 7.99 -6.53 -4.59
N ALA A 168 7.92 -6.43 -3.27
CA ALA A 168 8.60 -5.42 -2.48
C ALA A 168 9.88 -5.94 -1.80
N GLY A 169 10.23 -7.26 -1.94
CA GLY A 169 11.50 -7.79 -1.44
C GLY A 169 11.49 -8.18 0.04
N LEU A 170 10.31 -8.43 0.64
CA LEU A 170 10.17 -8.74 2.05
C LEU A 170 9.85 -10.21 2.34
N GLN A 171 9.31 -10.99 1.40
CA GLN A 171 8.73 -12.33 1.64
C GLN A 171 9.73 -13.31 2.25
N ALA A 172 10.95 -13.37 1.68
CA ALA A 172 12.01 -14.26 2.16
C ALA A 172 12.53 -13.82 3.53
N LEU A 173 12.68 -12.50 3.72
CA LEU A 173 13.13 -11.92 4.98
C LEU A 173 12.16 -12.28 6.12
N ILE A 174 10.83 -12.23 5.88
CA ILE A 174 9.80 -12.61 6.85
C ILE A 174 9.73 -14.14 7.02
N ASP A 175 9.78 -14.92 5.94
CA ASP A 175 9.67 -16.40 6.04
C ASP A 175 10.88 -17.07 6.68
N GLU A 176 12.09 -16.57 6.43
CA GLU A 176 13.30 -17.05 7.08
C GLU A 176 13.49 -16.46 8.49
N ASN A 177 12.66 -15.49 8.92
CA ASN A 177 12.76 -14.82 10.20
C ASN A 177 14.15 -14.17 10.43
N GLY A 178 14.81 -13.68 9.34
CA GLY A 178 16.13 -13.06 9.41
C GLY A 178 16.08 -11.53 9.41
N TRP A 179 15.17 -10.95 10.19
CA TRP A 179 15.06 -9.52 10.43
C TRP A 179 15.00 -9.30 11.92
N ALA A 180 15.85 -8.38 12.46
CA ALA A 180 15.91 -8.10 13.89
C ALA A 180 14.76 -7.18 14.28
N GLY A 181 14.69 -6.00 13.65
CA GLY A 181 13.65 -5.02 13.86
C GLY A 181 13.07 -4.56 12.52
N ARG A 182 12.10 -3.67 12.60
CA ARG A 182 11.39 -3.13 11.45
C ARG A 182 12.30 -2.33 10.51
N ASN A 183 13.37 -1.73 11.05
CA ASN A 183 14.46 -1.10 10.31
C ASN A 183 15.05 -2.03 9.26
N ASP A 184 15.12 -3.36 9.51
CA ASP A 184 15.66 -4.30 8.53
C ASP A 184 14.66 -4.54 7.39
N LEU A 185 13.35 -4.51 7.69
CA LEU A 185 12.33 -4.59 6.63
C LEU A 185 12.39 -3.31 5.79
N ALA A 186 12.45 -2.13 6.44
CA ALA A 186 12.61 -0.86 5.74
C ALA A 186 13.83 -0.84 4.82
N GLU A 187 15.00 -1.35 5.30
CA GLU A 187 16.20 -1.39 4.46
C GLU A 187 15.94 -2.24 3.19
N ALA A 188 15.40 -3.44 3.34
CA ALA A 188 15.13 -4.31 2.19
C ALA A 188 14.13 -3.65 1.23
N TRP A 189 13.14 -2.93 1.79
CA TRP A 189 12.09 -2.30 1.01
C TRP A 189 12.68 -1.17 0.15
N LEU A 190 13.64 -0.41 0.72
CA LEU A 190 14.33 0.68 0.01
C LEU A 190 15.25 0.15 -1.09
N VAL A 191 16.07 -0.88 -0.78
CA VAL A 191 16.94 -1.58 -1.76
C VAL A 191 16.09 -2.04 -2.95
N TRP A 192 14.96 -2.69 -2.64
CA TRP A 192 14.14 -3.26 -3.68
C TRP A 192 13.40 -2.22 -4.51
N GLY A 193 12.87 -1.13 -3.91
CA GLY A 193 11.95 -0.21 -4.57
C GLY A 193 12.57 1.15 -4.91
N GLY A 194 13.90 1.25 -4.87
CA GLY A 194 14.60 2.52 -4.97
C GLY A 194 14.89 3.03 -6.38
N TYR A 195 14.07 2.72 -7.39
CA TYR A 195 14.38 3.09 -8.77
C TYR A 195 13.36 4.13 -9.19
N ALA A 196 13.82 5.30 -9.70
CA ALA A 196 12.96 6.37 -10.19
C ALA A 196 12.56 6.17 -11.66
N TYR A 197 11.26 6.37 -11.97
CA TYR A 197 10.68 6.20 -13.29
C TYR A 197 10.09 7.53 -13.73
N GLY A 198 10.44 7.99 -14.92
CA GLY A 198 10.01 9.26 -15.50
C GLY A 198 9.55 9.01 -16.95
N ALA A 199 8.87 10.01 -17.53
CA ALA A 199 8.10 9.82 -18.78
C ALA A 199 9.06 9.48 -19.92
N GLY A 200 8.78 8.36 -20.64
CA GLY A 200 9.65 7.82 -21.69
C GLY A 200 10.77 6.89 -21.19
N GLU A 201 11.42 7.19 -20.05
CA GLU A 201 12.75 6.69 -19.70
C GLU A 201 12.68 5.38 -18.90
N GLU A 202 13.84 4.73 -18.72
CA GLU A 202 13.96 3.55 -17.88
C GLU A 202 14.29 3.98 -16.46
N GLY A 203 14.15 3.02 -15.54
CA GLY A 203 14.42 3.15 -14.11
C GLY A 203 15.84 3.65 -13.84
N GLN A 204 16.00 4.50 -12.80
CA GLN A 204 17.26 5.14 -12.43
C GLN A 204 17.46 4.87 -10.94
N ALA A 205 18.63 4.33 -10.52
CA ALA A 205 18.93 4.10 -9.10
C ALA A 205 18.87 5.39 -8.29
N GLU A 206 17.85 5.58 -7.43
CA GLU A 206 17.62 6.84 -6.74
C GLU A 206 17.08 6.63 -5.33
N ARG A 207 17.82 5.81 -4.56
CA ARG A 207 17.39 5.47 -3.21
C ARG A 207 17.26 6.72 -2.34
N GLY A 208 18.25 7.65 -2.43
CA GLY A 208 18.27 8.84 -1.59
C GLY A 208 17.01 9.69 -1.83
N LEU A 209 16.59 9.79 -3.09
CA LEU A 209 15.37 10.49 -3.43
C LEU A 209 14.13 9.82 -2.85
N LEU A 210 14.02 8.49 -2.92
CA LEU A 210 12.92 7.76 -2.32
C LEU A 210 12.83 8.02 -0.81
N GLU A 211 13.96 7.99 -0.12
CA GLU A 211 14.01 8.31 1.29
C GLU A 211 13.50 9.72 1.56
N GLU A 212 13.95 10.72 0.80
CA GLU A 212 13.52 12.09 0.98
C GLU A 212 11.99 12.18 0.79
N ARG A 213 11.46 11.50 -0.23
CA ARG A 213 10.01 11.52 -0.48
C ARG A 213 9.27 10.87 0.72
N LEU A 214 9.77 9.71 1.18
CA LEU A 214 9.10 9.01 2.26
C LEU A 214 9.19 9.75 3.59
N ARG A 215 10.30 10.44 3.86
CA ARG A 215 10.38 11.31 5.02
C ARG A 215 9.23 12.31 5.12
N SER A 216 8.67 12.79 3.98
CA SER A 216 7.54 13.73 3.96
C SER A 216 6.20 13.04 4.14
N VAL A 217 6.07 11.71 3.95
CA VAL A 217 4.78 11.06 3.83
C VAL A 217 4.07 11.02 5.17
N GLN A 218 2.80 11.44 5.18
CA GLN A 218 1.99 11.50 6.38
C GLN A 218 0.97 10.39 6.44
N ALA A 219 0.57 9.84 5.28
CA ALA A 219 -0.29 8.69 5.22
C ALA A 219 0.17 7.84 4.03
N VAL A 220 0.08 6.56 4.21
CA VAL A 220 0.29 5.52 3.20
C VAL A 220 -1.09 5.07 2.72
N VAL A 221 -1.22 4.87 1.40
CA VAL A 221 -2.51 4.63 0.76
C VAL A 221 -2.39 3.44 -0.19
N GLN A 222 -3.37 2.51 -0.14
CA GLN A 222 -3.54 1.45 -1.13
C GLN A 222 -5.04 1.17 -1.29
N ASN A 223 -5.43 0.78 -2.48
CA ASN A 223 -6.82 0.66 -2.92
C ASN A 223 -7.10 -0.77 -3.31
N GLN A 224 -8.33 -1.20 -3.04
CA GLN A 224 -8.81 -2.53 -3.37
C GLN A 224 -10.08 -2.36 -4.21
N ASP A 225 -10.17 -3.03 -5.37
CA ASP A 225 -11.32 -2.81 -6.25
C ASP A 225 -12.31 -3.96 -6.27
N ASN A 226 -12.14 -5.04 -5.50
CA ASN A 226 -13.13 -6.11 -5.46
C ASN A 226 -13.08 -6.83 -4.11
N ARG A 227 -14.13 -7.64 -3.81
CA ARG A 227 -14.28 -8.39 -2.56
C ARG A 227 -14.05 -9.89 -2.78
N GLU A 228 -13.47 -10.33 -3.91
CA GLU A 228 -13.12 -11.72 -4.19
C GLU A 228 -11.78 -12.10 -3.54
N HIS A 229 -11.10 -11.16 -2.87
CA HIS A 229 -9.87 -11.40 -2.13
C HIS A 229 -9.87 -10.41 -0.96
N ASP A 230 -8.88 -10.55 -0.05
CA ASP A 230 -8.67 -9.57 1.01
C ASP A 230 -7.19 -9.52 1.36
N LEU A 231 -6.87 -8.58 2.24
CA LEU A 231 -5.49 -8.32 2.65
C LEU A 231 -4.87 -9.45 3.47
N LEU A 232 -5.69 -10.43 3.94
CA LEU A 232 -5.14 -11.60 4.60
C LEU A 232 -5.19 -12.87 3.76
N ASP A 233 -5.33 -12.78 2.44
CA ASP A 233 -5.19 -13.96 1.57
C ASP A 233 -4.32 -13.73 0.34
N SER A 234 -3.67 -12.56 0.24
CA SER A 234 -2.83 -12.21 -0.90
C SER A 234 -1.70 -11.29 -0.42
N ASP A 235 -0.61 -11.31 -1.19
CA ASP A 235 0.63 -10.67 -0.79
C ASP A 235 0.64 -9.22 -1.27
N ASP A 236 -0.42 -8.75 -1.96
CA ASP A 236 -0.45 -7.46 -2.62
C ASP A 236 -0.41 -6.32 -1.63
N TYR A 237 -0.84 -6.53 -0.37
CA TYR A 237 -1.07 -5.42 0.54
C TYR A 237 0.04 -5.29 1.55
N TYR A 238 0.37 -6.35 2.29
CA TYR A 238 1.42 -6.20 3.31
C TYR A 238 2.74 -5.71 2.68
N GLN A 239 3.07 -6.18 1.48
CA GLN A 239 4.35 -5.79 0.93
C GLN A 239 4.43 -4.34 0.41
N PHE A 240 3.31 -3.71 0.05
CA PHE A 240 3.25 -2.34 -0.45
C PHE A 240 2.78 -1.37 0.65
N GLU A 241 1.49 -1.35 0.99
CA GLU A 241 1.09 -0.46 2.09
C GLU A 241 1.83 -0.82 3.41
N GLY A 242 1.96 -2.10 3.73
CA GLY A 242 2.68 -2.51 4.92
C GLY A 242 4.17 -2.09 4.86
N GLY A 243 4.90 -2.46 3.76
CA GLY A 243 6.33 -2.16 3.63
C GLY A 243 6.61 -0.66 3.56
N MET A 244 5.72 0.11 2.88
CA MET A 244 5.85 1.56 2.79
C MET A 244 5.70 2.21 4.18
N ALA A 245 4.75 1.74 4.96
CA ALA A 245 4.57 2.27 6.31
C ALA A 245 5.75 1.94 7.22
N ALA A 246 6.30 0.69 7.15
CA ALA A 246 7.52 0.34 7.88
C ALA A 246 8.63 1.31 7.57
N THR A 247 8.77 1.64 6.27
CA THR A 247 9.87 2.46 5.76
C THR A 247 9.70 3.91 6.21
N VAL A 248 8.50 4.46 6.10
CA VAL A 248 8.24 5.82 6.64
C VAL A 248 8.56 5.87 8.15
N GLU A 249 8.14 4.84 8.90
CA GLU A 249 8.49 4.78 10.34
C GLU A 249 10.01 4.77 10.57
N SER A 250 10.72 3.95 9.82
CA SER A 250 12.15 3.82 9.92
C SER A 250 12.91 5.12 9.65
N LEU A 251 12.39 5.95 8.73
CA LEU A 251 13.00 7.23 8.38
C LEU A 251 12.61 8.37 9.32
N THR A 252 11.41 8.33 9.93
CA THR A 252 10.86 9.50 10.64
C THR A 252 10.85 9.24 12.15
N GLY A 253 10.81 7.97 12.62
CA GLY A 253 10.51 7.63 14.00
C GLY A 253 9.00 7.61 14.38
N ALA A 254 8.06 7.85 13.44
CA ALA A 254 6.64 7.76 13.67
C ALA A 254 5.99 6.92 12.57
N MET A 255 5.11 5.98 12.96
CA MET A 255 4.33 5.19 12.02
C MET A 255 3.28 6.11 11.41
N PRO A 256 3.18 6.28 10.08
CA PRO A 256 2.10 7.07 9.50
C PRO A 256 0.76 6.33 9.63
N SER A 257 -0.33 7.09 9.48
CA SER A 257 -1.63 6.52 9.10
C SER A 257 -1.52 5.68 7.82
N VAL A 258 -2.21 4.55 7.76
CA VAL A 258 -2.39 3.73 6.57
C VAL A 258 -3.87 3.70 6.28
N TYR A 259 -4.26 4.05 5.03
CA TYR A 259 -5.63 3.97 4.56
C TYR A 259 -5.72 2.91 3.47
N HIS A 260 -6.46 1.84 3.76
CA HIS A 260 -6.73 0.73 2.88
C HIS A 260 -8.15 1.02 2.41
N ASN A 261 -8.30 1.46 1.16
CA ASN A 261 -9.57 1.97 0.65
C ASN A 261 -10.32 0.92 -0.16
N ASP A 262 -11.63 0.98 -0.05
CA ASP A 262 -12.54 0.04 -0.69
C ASP A 262 -13.16 0.72 -1.89
N HIS A 263 -12.69 0.35 -3.09
CA HIS A 263 -13.25 0.77 -4.37
C HIS A 263 -14.08 -0.35 -5.02
N SER A 264 -14.58 -1.33 -4.25
CA SER A 264 -15.40 -2.40 -4.75
C SER A 264 -16.72 -1.92 -5.35
N ARG A 265 -17.29 -0.83 -4.83
CA ARG A 265 -18.52 -0.22 -5.30
C ARG A 265 -18.13 1.15 -5.86
N PRO A 266 -17.86 1.32 -7.17
CA PRO A 266 -17.25 2.56 -7.69
C PRO A 266 -17.94 3.87 -7.36
N GLU A 267 -19.27 3.85 -7.29
CA GLU A 267 -20.08 5.00 -6.92
C GLU A 267 -19.97 5.32 -5.44
N LYS A 268 -19.55 4.38 -4.55
CA LYS A 268 -19.45 4.66 -3.12
C LYS A 268 -18.11 4.14 -2.62
N PRO A 269 -16.97 4.83 -2.91
CA PRO A 269 -15.70 4.49 -2.28
C PRO A 269 -15.80 4.68 -0.77
N VAL A 270 -15.12 3.80 0.00
CA VAL A 270 -15.08 3.85 1.44
C VAL A 270 -13.61 3.85 1.85
N ILE A 271 -13.20 4.89 2.57
CA ILE A 271 -11.86 5.00 3.11
C ILE A 271 -11.88 4.31 4.46
N ARG A 272 -10.90 3.45 4.75
CA ARG A 272 -10.77 2.86 6.07
C ARG A 272 -9.33 2.97 6.49
N ALA A 273 -9.08 3.12 7.80
CA ALA A 273 -7.78 2.80 8.38
C ALA A 273 -7.46 1.32 8.21
N LEU A 274 -6.18 0.99 8.05
CA LEU A 274 -5.77 -0.40 7.99
C LEU A 274 -6.31 -1.24 9.15
N GLU A 275 -6.31 -0.70 10.37
CA GLU A 275 -6.88 -1.36 11.55
C GLU A 275 -8.36 -1.68 11.36
N GLU A 276 -9.11 -0.75 10.72
CA GLU A 276 -10.50 -1.01 10.36
C GLU A 276 -10.64 -2.13 9.35
N GLU A 277 -9.81 -2.10 8.32
CA GLU A 277 -9.87 -3.13 7.30
C GLU A 277 -9.51 -4.51 7.88
N LEU A 278 -8.40 -4.61 8.65
CA LEU A 278 -8.00 -5.82 9.35
C LEU A 278 -9.16 -6.40 10.15
N SER A 279 -9.81 -5.53 10.94
CA SER A 279 -10.90 -5.98 11.78
C SER A 279 -12.11 -6.42 10.96
N ARG A 280 -12.45 -5.68 9.87
CA ARG A 280 -13.52 -6.09 8.96
C ARG A 280 -13.30 -7.49 8.39
N VAL A 281 -12.06 -7.79 7.97
CA VAL A 281 -11.71 -9.06 7.40
C VAL A 281 -11.63 -10.15 8.48
N VAL A 282 -11.16 -9.88 9.70
CA VAL A 282 -11.21 -10.93 10.75
C VAL A 282 -12.67 -11.33 11.09
N ARG A 283 -13.54 -10.33 11.31
CA ARG A 283 -14.97 -10.52 11.56
C ARG A 283 -15.68 -11.21 10.39
N GLY A 284 -15.43 -10.69 9.16
CA GLY A 284 -16.14 -11.08 7.94
C GLY A 284 -15.69 -12.41 7.37
N ARG A 285 -14.40 -12.77 7.59
CA ARG A 285 -13.78 -13.88 6.90
C ARG A 285 -12.96 -14.68 7.91
N ALA A 286 -11.82 -14.17 8.40
CA ALA A 286 -10.87 -15.09 9.03
C ALA A 286 -11.42 -15.85 10.25
N ALA A 287 -12.11 -15.13 11.14
CA ALA A 287 -12.73 -15.65 12.34
C ALA A 287 -14.23 -15.98 12.15
N ASN A 288 -14.77 -15.77 10.94
CA ASN A 288 -16.19 -15.95 10.62
C ASN A 288 -16.46 -17.46 10.61
N PRO A 289 -17.34 -18.01 11.48
CA PRO A 289 -17.59 -19.44 11.46
C PRO A 289 -18.18 -20.03 10.18
N LYS A 290 -18.92 -19.23 9.40
CA LYS A 290 -19.34 -19.58 8.05
C LYS A 290 -18.16 -19.81 7.11
N TRP A 291 -17.15 -18.92 7.17
CA TRP A 291 -15.96 -19.11 6.35
C TRP A 291 -15.19 -20.36 6.80
N ILE A 292 -15.00 -20.58 8.10
CA ILE A 292 -14.27 -21.72 8.63
C ILE A 292 -14.97 -23.04 8.25
N ALA A 293 -16.30 -23.13 8.45
CA ALA A 293 -17.05 -24.31 8.06
C ALA A 293 -16.86 -24.60 6.56
N GLY A 294 -16.82 -23.59 5.69
CA GLY A 294 -16.66 -23.76 4.26
C GLY A 294 -15.30 -24.32 3.85
N VAL A 295 -14.20 -23.77 4.38
CA VAL A 295 -12.85 -24.28 4.11
C VAL A 295 -12.62 -25.66 4.73
N MET A 296 -13.31 -26.02 5.83
CA MET A 296 -13.33 -27.35 6.40
C MET A 296 -13.92 -28.40 5.44
N ARG A 297 -14.66 -28.01 4.37
CA ARG A 297 -15.10 -28.91 3.29
C ARG A 297 -14.08 -29.04 2.14
N HIS A 298 -12.92 -28.35 2.16
CA HIS A 298 -11.95 -28.40 1.07
C HIS A 298 -10.64 -29.04 1.48
N GLY A 299 -10.57 -29.86 2.55
CA GLY A 299 -9.38 -30.69 2.84
C GLY A 299 -8.06 -29.91 2.99
N TYR A 300 -6.96 -30.45 2.40
CA TYR A 300 -5.62 -29.89 2.39
C TYR A 300 -5.63 -28.43 2.00
N LYS A 301 -6.30 -28.10 0.90
CA LYS A 301 -6.41 -26.73 0.38
C LYS A 301 -7.01 -25.75 1.39
N GLY A 302 -8.04 -26.19 2.10
CA GLY A 302 -8.77 -25.39 3.08
C GLY A 302 -7.91 -25.06 4.29
N ALA A 303 -7.22 -26.09 4.82
CA ALA A 303 -6.21 -25.92 5.88
C ALA A 303 -5.06 -24.97 5.51
N ALA A 304 -4.56 -25.05 4.25
CA ALA A 304 -3.57 -24.08 3.74
C ALA A 304 -4.09 -22.64 3.77
N GLU A 305 -5.39 -22.40 3.51
CA GLU A 305 -5.93 -21.04 3.57
C GLU A 305 -5.93 -20.48 4.99
N ILE A 306 -6.21 -21.34 5.99
CA ILE A 306 -6.16 -20.98 7.41
C ILE A 306 -4.73 -20.53 7.73
N ALA A 307 -3.75 -21.38 7.40
CA ALA A 307 -2.35 -21.10 7.69
C ALA A 307 -1.89 -19.79 7.03
N ALA A 308 -2.26 -19.59 5.75
CA ALA A 308 -1.91 -18.40 5.00
C ALA A 308 -2.48 -17.14 5.68
N THR A 309 -3.74 -17.21 6.18
CA THR A 309 -4.36 -16.10 6.91
C THR A 309 -3.48 -15.64 8.07
N VAL A 310 -2.92 -16.58 8.84
CA VAL A 310 -2.07 -16.28 9.97
C VAL A 310 -0.74 -15.70 9.47
N ASP A 311 -0.19 -16.25 8.36
CA ASP A 311 1.03 -15.69 7.78
C ASP A 311 0.90 -14.19 7.46
N TYR A 312 -0.26 -13.82 6.87
CA TYR A 312 -0.51 -12.45 6.47
C TYR A 312 -0.76 -11.54 7.64
N LEU A 313 -1.51 -12.04 8.64
CA LEU A 313 -1.72 -11.33 9.87
C LEU A 313 -0.38 -11.00 10.56
N PHE A 314 0.52 -11.99 10.62
CA PHE A 314 1.87 -11.80 11.13
C PHE A 314 2.66 -10.77 10.29
N ALA A 315 2.60 -10.88 8.96
CA ALA A 315 3.28 -9.96 8.08
C ALA A 315 2.84 -8.51 8.28
N PHE A 316 1.55 -8.25 8.45
CA PHE A 316 1.04 -6.94 8.82
C PHE A 316 1.54 -6.46 10.17
N ALA A 317 1.57 -7.33 11.20
CA ALA A 317 2.13 -6.93 12.51
C ALA A 317 3.61 -6.56 12.35
N ALA A 318 4.37 -7.38 11.61
CA ALA A 318 5.80 -7.18 11.35
C ALA A 318 6.10 -5.81 10.72
N THR A 319 5.34 -5.44 9.65
CA THR A 319 5.59 -4.21 8.90
C THR A 319 4.99 -2.97 9.54
N THR A 320 3.83 -3.07 10.24
CA THR A 320 3.03 -1.90 10.62
C THR A 320 2.80 -1.78 12.13
N GLY A 321 2.78 -2.90 12.90
CA GLY A 321 2.36 -2.82 14.28
C GLY A 321 0.89 -2.48 14.44
N LYS A 322 0.04 -2.56 13.40
CA LYS A 322 -1.36 -2.16 13.50
C LYS A 322 -2.28 -3.35 13.68
N VAL A 323 -1.74 -4.56 13.95
CA VAL A 323 -2.53 -5.73 14.23
C VAL A 323 -2.66 -5.80 15.75
N GLY A 324 -3.87 -5.65 16.25
CA GLY A 324 -4.09 -5.69 17.67
C GLY A 324 -3.97 -7.11 18.22
N ASN A 325 -3.70 -7.12 19.53
CA ASN A 325 -3.64 -8.33 20.34
C ASN A 325 -4.89 -9.19 20.13
N HIS A 326 -6.08 -8.57 20.11
CA HIS A 326 -7.35 -9.22 19.88
C HIS A 326 -7.39 -10.06 18.60
N HIS A 327 -6.72 -9.65 17.51
CA HIS A 327 -6.76 -10.42 16.26
C HIS A 327 -6.02 -11.74 16.39
N PHE A 328 -4.85 -11.70 17.03
CA PHE A 328 -4.03 -12.89 17.22
C PHE A 328 -4.76 -13.83 18.15
N GLU A 329 -5.32 -13.31 19.24
CA GLU A 329 -6.15 -14.11 20.14
C GLU A 329 -7.30 -14.78 19.38
N ALA A 330 -8.00 -13.99 18.54
CA ALA A 330 -9.14 -14.48 17.78
C ALA A 330 -8.79 -15.65 16.86
N VAL A 331 -7.67 -15.56 16.10
CA VAL A 331 -7.29 -16.66 15.20
C VAL A 331 -6.78 -17.86 15.98
N TYR A 332 -6.05 -17.63 17.10
CA TYR A 332 -5.63 -18.72 17.99
C TYR A 332 -6.86 -19.51 18.47
N GLN A 333 -7.86 -18.82 19.00
CA GLN A 333 -9.07 -19.44 19.51
C GLN A 333 -9.85 -20.17 18.40
N ALA A 334 -10.01 -19.52 17.23
CA ALA A 334 -10.72 -20.06 16.08
C ALA A 334 -10.04 -21.30 15.47
N TYR A 335 -8.71 -21.31 15.44
CA TYR A 335 -7.97 -22.31 14.65
C TYR A 335 -7.31 -23.39 15.49
N ILE A 336 -6.83 -23.08 16.70
CA ILE A 336 -6.01 -23.98 17.52
C ILE A 336 -6.83 -24.44 18.71
N ALA A 337 -7.45 -23.52 19.48
CA ALA A 337 -8.24 -23.90 20.67
C ALA A 337 -9.57 -24.56 20.31
N ASP A 338 -10.17 -24.28 19.14
CA ASP A 338 -11.31 -25.01 18.63
C ASP A 338 -10.86 -26.40 18.15
N ARG A 339 -11.13 -27.42 18.96
CA ARG A 339 -10.60 -28.76 18.68
C ARG A 339 -11.10 -29.32 17.34
N ALA A 340 -12.30 -28.95 16.86
CA ALA A 340 -12.78 -29.40 15.56
C ALA A 340 -11.96 -28.83 14.40
N VAL A 341 -11.56 -27.53 14.48
CA VAL A 341 -10.68 -26.90 13.49
C VAL A 341 -9.28 -27.47 13.63
N HIS A 342 -8.76 -27.54 14.87
CA HIS A 342 -7.45 -28.12 15.12
C HIS A 342 -7.31 -29.53 14.52
N ASP A 343 -8.33 -30.38 14.76
CA ASP A 343 -8.31 -31.77 14.33
C ASP A 343 -8.48 -31.90 12.82
N PHE A 344 -9.31 -31.02 12.22
CA PHE A 344 -9.41 -30.91 10.76
C PHE A 344 -8.01 -30.68 10.16
N MET A 345 -7.29 -29.68 10.70
CA MET A 345 -5.98 -29.30 10.17
C MET A 345 -4.99 -30.44 10.39
N ALA A 346 -4.93 -31.02 11.60
CA ALA A 346 -4.05 -32.16 11.91
C ALA A 346 -4.29 -33.36 10.96
N GLU A 347 -5.54 -33.70 10.67
CA GLU A 347 -5.87 -34.74 9.71
C GLU A 347 -5.52 -34.33 8.28
N LYS A 348 -5.95 -33.17 7.76
CA LYS A 348 -5.89 -32.93 6.32
C LYS A 348 -4.59 -32.26 5.86
N ASN A 349 -3.85 -31.58 6.77
CA ASN A 349 -2.68 -30.80 6.37
C ASN A 349 -1.87 -30.49 7.62
N PRO A 350 -1.18 -31.50 8.24
CA PRO A 350 -0.42 -31.26 9.47
C PRO A 350 0.73 -30.27 9.32
N ALA A 351 1.34 -30.12 8.14
CA ALA A 351 2.31 -29.09 7.89
C ALA A 351 1.69 -27.69 8.04
N ALA A 352 0.48 -27.46 7.51
CA ALA A 352 -0.23 -26.18 7.67
C ALA A 352 -0.50 -25.89 9.14
N LEU A 353 -0.84 -26.94 9.93
CA LEU A 353 -1.04 -26.83 11.36
C LEU A 353 0.27 -26.43 12.03
N ALA A 354 1.40 -27.09 11.68
CA ALA A 354 2.71 -26.75 12.23
C ALA A 354 3.13 -25.33 11.87
N GLU A 355 2.87 -24.91 10.62
CA GLU A 355 3.20 -23.54 10.18
C GLU A 355 2.41 -22.48 10.98
N THR A 356 1.14 -22.74 11.31
CA THR A 356 0.26 -21.83 12.04
C THR A 356 0.74 -21.68 13.46
N ALA A 357 1.02 -22.81 14.12
CA ALA A 357 1.58 -22.82 15.45
C ALA A 357 2.90 -22.07 15.52
N ALA A 358 3.81 -22.36 14.59
CA ALA A 358 5.12 -21.67 14.53
C ALA A 358 4.96 -20.15 14.36
N LYS A 359 3.99 -19.72 13.54
CA LYS A 359 3.74 -18.31 13.30
C LYS A 359 3.18 -17.62 14.52
N LEU A 360 2.23 -18.24 15.23
CA LEU A 360 1.71 -17.71 16.47
C LEU A 360 2.79 -17.65 17.56
N ASN A 361 3.73 -18.61 17.61
CA ASN A 361 4.84 -18.57 18.55
C ASN A 361 5.80 -17.41 18.28
N GLU A 362 6.08 -17.12 16.97
CA GLU A 362 6.83 -15.95 16.56
C GLU A 362 6.10 -14.65 16.92
N ALA A 363 4.77 -14.61 16.75
CA ALA A 363 3.95 -13.48 17.19
C ALA A 363 4.10 -13.18 18.69
N ILE A 364 4.19 -14.25 19.50
CA ILE A 364 4.44 -14.12 20.95
C ILE A 364 5.85 -13.60 21.17
N GLU A 365 6.83 -14.26 20.55
CA GLU A 365 8.26 -13.93 20.63
C GLU A 365 8.51 -12.45 20.33
N ARG A 366 7.86 -11.90 19.29
CA ARG A 366 8.02 -10.50 18.87
C ARG A 366 7.20 -9.52 19.67
N GLY A 367 6.37 -9.95 20.62
CA GLY A 367 5.46 -9.08 21.33
C GLY A 367 4.25 -8.60 20.51
N PHE A 368 3.90 -9.28 19.41
CA PHE A 368 2.68 -8.94 18.69
C PHE A 368 1.46 -9.49 19.40
N TRP A 369 1.56 -10.62 20.09
CA TRP A 369 0.47 -11.24 20.82
C TRP A 369 0.95 -11.58 22.23
N THR A 370 0.23 -11.16 23.27
CA THR A 370 0.38 -11.70 24.63
C THR A 370 -0.84 -12.59 24.88
N PRO A 371 -0.72 -13.93 24.84
CA PRO A 371 -1.88 -14.81 25.03
C PRO A 371 -2.59 -14.59 26.38
N ARG A 372 -3.94 -14.58 26.34
CA ARG A 372 -4.78 -14.45 27.52
C ARG A 372 -4.55 -15.60 28.50
N SER A 373 -4.12 -16.79 28.03
CA SER A 373 -3.70 -17.94 28.83
C SER A 373 -2.19 -18.20 28.70
N ASN A 374 -1.53 -18.44 29.86
CA ASN A 374 -0.10 -18.79 29.91
C ASN A 374 0.17 -20.18 29.32
N SER A 375 -0.83 -21.08 29.36
CA SER A 375 -0.71 -22.42 28.80
C SER A 375 -0.72 -22.45 27.26
N ALA A 376 -1.18 -21.36 26.59
CA ALA A 376 -1.17 -21.26 25.14
C ALA A 376 0.24 -21.29 24.55
N ARG A 377 1.21 -20.67 25.21
CA ARG A 377 2.61 -20.68 24.81
C ARG A 377 3.17 -22.10 24.70
N PHE A 378 2.90 -22.93 25.74
CA PHE A 378 3.47 -24.27 25.87
C PHE A 378 2.78 -25.21 24.87
N GLU A 379 1.43 -25.15 24.81
CA GLU A 379 0.61 -25.84 23.81
C GLU A 379 1.13 -25.59 22.38
N LEU A 380 1.39 -24.31 22.00
CA LEU A 380 1.86 -23.99 20.65
C LEU A 380 3.27 -24.55 20.40
N GLU A 381 4.18 -24.37 21.36
CA GLU A 381 5.54 -24.87 21.23
C GLU A 381 5.57 -26.40 21.15
N ASN A 382 4.79 -27.08 22.03
CA ASN A 382 4.63 -28.53 22.03
C ASN A 382 4.01 -29.03 20.74
N LEU A 383 3.05 -28.24 20.17
CA LEU A 383 2.44 -28.58 18.89
C LEU A 383 3.48 -28.49 17.76
N SER A 384 4.17 -27.34 17.62
CA SER A 384 5.26 -27.18 16.64
C SER A 384 6.55 -27.84 17.16
#